data_3NJ2
#
_entry.id   3NJ2
#
_cell.length_a   59.079
_cell.length_b   44.573
_cell.length_c   67.724
_cell.angle_alpha   90.00
_cell.angle_beta   111.01
_cell.angle_gamma   90.00
#
_symmetry.space_group_name_H-M   'P 1 21 1'
#
loop_
_entity.id
_entity.type
_entity.pdbx_description
1 polymer 'DUF269-containing protein'
2 water water
#
_entity_poly.entity_id   1
_entity_poly.type   'polypeptide(L)'
_entity_poly.pdbx_seq_one_letter_code
;MGSSHHHHHHSSGLVPRGSHMTNSETNTLLVEQSPFLQSLVQQIRAYDHYGVYRTWTDELVIAPYVIPKKKRREISLEGD
IDPTTKLRILCYFRAIAALIEKETGLLCQVVVDLNHEGFGWALVWGGKLMVVSRSLRDAHRFGFDTLEKLNDQGTKLANA
GIELVNKFPEVARL
;
_entity_poly.pdbx_strand_id   A,B
#
# COMPACT_ATOMS: atom_id res chain seq x y z
N SER A 24 -25.62 -0.70 27.11
CA SER A 24 -24.32 -0.60 27.86
C SER A 24 -23.82 -1.95 28.33
N GLU A 25 -24.76 -2.83 28.68
CA GLU A 25 -24.38 -4.15 29.14
C GLU A 25 -24.09 -5.03 27.93
N THR A 26 -24.88 -4.88 26.88
CA THR A 26 -24.65 -5.71 25.70
C THR A 26 -23.36 -5.25 24.98
N ASN A 27 -23.05 -3.97 25.11
CA ASN A 27 -21.81 -3.43 24.58
C ASN A 27 -20.56 -4.03 25.26
N THR A 28 -20.48 -3.92 26.58
CA THR A 28 -19.36 -4.49 27.34
C THR A 28 -19.17 -5.99 27.05
N LEU A 29 -20.27 -6.70 26.93
CA LEU A 29 -20.27 -8.11 26.63
C LEU A 29 -19.75 -8.38 25.22
N LEU A 30 -20.22 -7.59 24.24
CA LEU A 30 -19.77 -7.71 22.87
C LEU A 30 -18.26 -7.50 22.74
N VAL A 31 -17.72 -6.55 23.50
CA VAL A 31 -16.26 -6.33 23.52
C VAL A 31 -15.53 -7.60 23.98
N GLU A 32 -16.12 -8.29 24.96
CA GLU A 32 -15.50 -9.50 25.52
C GLU A 32 -15.63 -10.70 24.57
N GLN A 33 -16.81 -10.81 23.96
CA GLN A 33 -17.17 -11.96 23.15
C GLN A 33 -16.76 -11.93 21.67
N SER A 34 -16.66 -10.74 21.09
CA SER A 34 -16.53 -10.63 19.63
C SER A 34 -15.12 -10.99 19.14
N PRO A 35 -15.00 -11.98 18.26
CA PRO A 35 -13.66 -12.33 17.74
C PRO A 35 -13.02 -11.13 17.04
N PHE A 36 -13.85 -10.36 16.34
CA PHE A 36 -13.31 -9.12 15.75
C PHE A 36 -12.84 -8.08 16.79
N LEU A 37 -13.67 -7.83 17.79
CA LEU A 37 -13.33 -6.80 18.76
C LEU A 37 -12.13 -7.28 19.59
N GLN A 38 -12.04 -8.58 19.82
CA GLN A 38 -10.92 -9.07 20.57
C GLN A 38 -9.66 -8.88 19.76
N SER A 39 -9.75 -9.14 18.44
CA SER A 39 -8.55 -8.97 17.54
C SER A 39 -8.11 -7.51 17.52
N LEU A 40 -9.10 -6.60 17.52
CA LEU A 40 -8.85 -5.18 17.45
C LEU A 40 -8.07 -4.71 18.70
N VAL A 41 -8.65 -5.02 19.84
CA VAL A 41 -7.96 -4.79 21.10
C VAL A 41 -6.55 -5.30 21.12
N GLN A 42 -6.32 -6.52 20.68
CA GLN A 42 -4.97 -7.08 20.67
C GLN A 42 -4.03 -6.20 19.82
N GLN A 43 -4.51 -5.76 18.67
CA GLN A 43 -3.69 -4.88 17.83
C GLN A 43 -3.40 -3.56 18.47
N ILE A 44 -4.41 -2.97 19.11
CA ILE A 44 -4.27 -1.62 19.74
C ILE A 44 -3.15 -1.69 20.77
N ARG A 45 -3.11 -2.80 21.49
CA ARG A 45 -2.18 -2.94 22.60
C ARG A 45 -0.81 -3.37 22.11
N ALA A 46 -0.76 -4.06 20.97
CA ALA A 46 0.54 -4.41 20.35
C ALA A 46 1.23 -3.11 19.88
N TYR A 47 0.45 -2.14 19.41
CA TYR A 47 1.05 -0.88 18.94
C TYR A 47 1.30 0.10 20.06
N ASP A 48 0.96 -0.30 21.28
CA ASP A 48 1.19 0.56 22.48
C ASP A 48 2.47 0.06 23.17
N HIS A 49 3.59 0.40 22.55
CA HIS A 49 4.87 -0.16 22.94
C HIS A 49 5.22 0.20 24.38
N TYR A 50 4.73 1.36 24.85
CA TYR A 50 5.09 1.77 26.23
C TYR A 50 3.94 1.61 27.20
N GLY A 51 2.94 0.79 26.83
CA GLY A 51 1.93 0.43 27.84
C GLY A 51 1.20 1.66 28.33
N VAL A 52 1.16 2.64 27.44
CA VAL A 52 0.50 3.81 27.80
C VAL A 52 -0.94 3.46 28.13
N TYR A 53 -1.55 2.38 27.56
CA TYR A 53 -2.99 2.00 27.82
C TYR A 53 -3.23 0.85 28.83
N ARG A 54 -2.19 0.47 29.54
CA ARG A 54 -2.32 -0.66 30.42
C ARG A 54 -3.34 -0.62 31.52
N THR A 55 -3.77 0.58 31.95
CA THR A 55 -4.81 0.69 33.00
C THR A 55 -6.20 0.87 32.41
N TRP A 56 -6.28 0.91 31.08
CA TRP A 56 -7.54 1.07 30.43
C TRP A 56 -8.15 -0.27 30.14
N THR A 57 -9.45 -0.35 30.37
CA THR A 57 -10.31 -1.44 29.91
C THR A 57 -10.24 -1.59 28.39
N ASP A 58 -10.45 -2.82 27.96
CA ASP A 58 -10.67 -3.13 26.52
C ASP A 58 -11.69 -2.21 25.89
N GLU A 59 -12.82 -2.02 26.57
CA GLU A 59 -13.84 -1.17 26.02
C GLU A 59 -13.34 0.27 25.80
N LEU A 60 -12.59 0.78 26.78
CA LEU A 60 -12.01 2.09 26.68
C LEU A 60 -10.97 2.19 25.61
N VAL A 61 -10.23 1.12 25.31
CA VAL A 61 -9.23 1.28 24.26
C VAL A 61 -9.96 1.27 22.90
N ILE A 62 -11.16 0.68 22.84
CA ILE A 62 -11.94 0.66 21.55
C ILE A 62 -12.68 1.98 21.30
N ALA A 63 -12.99 2.70 22.37
CA ALA A 63 -13.83 3.92 22.25
C ALA A 63 -13.48 4.95 21.19
N PRO A 64 -12.18 5.22 20.94
CA PRO A 64 -11.80 6.12 19.84
C PRO A 64 -12.37 5.78 18.45
N TYR A 65 -12.76 4.51 18.22
CA TYR A 65 -13.31 4.05 16.93
C TYR A 65 -14.80 4.33 16.82
N VAL A 66 -15.41 4.67 17.95
CA VAL A 66 -16.88 4.85 18.04
C VAL A 66 -17.08 6.35 18.28
N ILE A 67 -17.57 7.03 17.28
CA ILE A 67 -17.78 8.47 17.30
C ILE A 67 -19.12 8.73 16.64
N PRO A 68 -20.07 9.30 17.41
CA PRO A 68 -21.40 9.61 16.79
C PRO A 68 -21.24 10.48 15.59
N LYS A 69 -22.15 10.31 14.64
CA LYS A 69 -22.07 11.00 13.37
C LYS A 69 -22.03 12.53 13.51
N LYS A 70 -22.82 13.12 14.41
CA LYS A 70 -22.76 14.59 14.60
C LYS A 70 -21.41 15.14 14.92
N LYS A 71 -20.67 14.36 15.69
CA LYS A 71 -19.36 14.75 16.13
C LYS A 71 -18.32 14.47 15.07
N ARG A 72 -18.43 13.28 14.47
CA ARG A 72 -17.51 12.84 13.38
C ARG A 72 -17.53 13.79 12.19
N ARG A 73 -18.73 14.25 11.82
CA ARG A 73 -18.79 15.13 10.65
C ARG A 73 -18.25 16.55 10.90
N GLU A 74 -17.90 16.85 12.15
CA GLU A 74 -17.16 18.10 12.51
C GLU A 74 -15.64 18.00 12.71
N ILE A 75 -15.07 16.81 12.47
CA ILE A 75 -13.65 16.70 12.52
C ILE A 75 -13.25 17.40 11.24
N SER A 76 -12.37 18.37 11.33
CA SER A 76 -11.98 19.14 10.14
C SER A 76 -11.19 18.26 9.18
N LEU A 77 -11.41 18.47 7.88
CA LEU A 77 -10.66 17.87 6.77
C LEU A 77 -9.55 18.82 6.26
N GLU A 78 -9.45 20.00 6.86
CA GLU A 78 -8.65 21.11 6.29
C GLU A 78 -7.14 20.96 6.46
N GLY A 79 -6.67 20.29 7.54
CA GLY A 79 -5.23 20.03 7.76
C GLY A 79 -4.82 18.58 7.44
N ASP A 80 -3.56 18.27 7.69
CA ASP A 80 -3.05 16.91 7.47
C ASP A 80 -3.68 15.94 8.46
N ILE A 81 -4.18 14.82 7.94
CA ILE A 81 -4.73 13.78 8.77
C ILE A 81 -3.73 13.44 9.90
N ASP A 82 -4.28 13.26 11.09
CA ASP A 82 -3.54 12.98 12.32
C ASP A 82 -2.88 11.58 12.22
N PRO A 83 -1.55 11.46 12.49
CA PRO A 83 -0.84 10.17 12.60
C PRO A 83 -1.53 9.15 13.55
N THR A 84 -2.08 9.64 14.67
CA THR A 84 -2.90 8.80 15.57
C THR A 84 -4.14 8.14 14.89
N THR A 85 -4.82 8.93 14.07
CA THR A 85 -5.96 8.42 13.31
C THR A 85 -5.45 7.36 12.29
N LYS A 86 -4.37 7.62 11.59
CA LYS A 86 -3.75 6.67 10.64
C LYS A 86 -3.46 5.32 11.33
N LEU A 87 -2.90 5.39 12.53
CA LEU A 87 -2.62 4.18 13.29
C LEU A 87 -3.90 3.45 13.65
N ARG A 88 -4.99 4.15 14.00
CA ARG A 88 -6.21 3.41 14.29
C ARG A 88 -6.70 2.64 13.01
N ILE A 89 -6.57 3.24 11.85
CA ILE A 89 -7.05 2.63 10.58
C ILE A 89 -6.16 1.41 10.32
N LEU A 90 -4.86 1.56 10.58
CA LEU A 90 -3.97 0.41 10.45
C LEU A 90 -4.38 -0.68 11.37
N CYS A 91 -4.65 -0.37 12.64
CA CYS A 91 -5.02 -1.43 13.58
C CYS A 91 -6.33 -2.16 13.20
N TYR A 92 -7.31 -1.40 12.65
CA TYR A 92 -8.56 -1.95 12.20
C TYR A 92 -8.32 -3.01 11.10
N PHE A 93 -7.50 -2.63 10.11
CA PHE A 93 -7.24 -3.53 9.00
C PHE A 93 -6.38 -4.66 9.48
N ARG A 94 -5.53 -4.43 10.49
CA ARG A 94 -4.72 -5.59 10.98
C ARG A 94 -5.60 -6.54 11.79
N ALA A 95 -6.63 -6.02 12.48
CA ALA A 95 -7.60 -6.87 13.14
C ALA A 95 -8.35 -7.75 12.14
N ILE A 96 -8.74 -7.17 11.01
CA ILE A 96 -9.40 -7.93 9.98
C ILE A 96 -8.53 -9.06 9.48
N ALA A 97 -7.28 -8.73 9.14
CA ALA A 97 -6.33 -9.75 8.74
C ALA A 97 -6.14 -10.81 9.81
N ALA A 98 -6.05 -10.39 11.07
CA ALA A 98 -5.85 -11.43 12.14
C ALA A 98 -7.06 -12.36 12.24
N LEU A 99 -8.29 -11.87 11.99
CA LEU A 99 -9.51 -12.74 12.00
C LEU A 99 -9.39 -13.68 10.82
N ILE A 100 -8.87 -13.19 9.68
CA ILE A 100 -8.81 -14.07 8.51
C ILE A 100 -7.83 -15.16 8.81
N GLU A 101 -6.73 -14.81 9.52
CA GLU A 101 -5.67 -15.82 9.81
C GLU A 101 -6.31 -16.82 10.77
N LYS A 102 -7.11 -16.35 11.73
CA LYS A 102 -7.77 -17.25 12.68
C LYS A 102 -8.58 -18.35 12.02
N GLU A 103 -9.24 -18.05 10.90
CA GLU A 103 -10.18 -18.97 10.35
C GLU A 103 -9.65 -19.70 9.12
N THR A 104 -8.55 -19.18 8.53
CA THR A 104 -7.91 -19.80 7.34
C THR A 104 -6.51 -20.31 7.53
N GLY A 105 -5.83 -19.87 8.60
CA GLY A 105 -4.43 -20.12 8.78
C GLY A 105 -3.48 -19.18 8.05
N LEU A 106 -4.02 -18.39 7.09
CA LEU A 106 -3.17 -17.54 6.28
C LEU A 106 -3.16 -16.11 6.95
N LEU A 107 -2.02 -15.59 7.33
CA LEU A 107 -1.99 -14.19 7.83
C LEU A 107 -1.51 -13.35 6.65
N CYS A 108 -2.43 -12.50 6.24
CA CYS A 108 -2.21 -11.52 5.22
C CYS A 108 -1.43 -10.35 5.75
N GLN A 109 -0.70 -9.71 4.84
CA GLN A 109 0.03 -8.46 5.13
C GLN A 109 -1.02 -7.35 4.95
N VAL A 110 -0.72 -6.23 5.62
CA VAL A 110 -1.60 -5.08 5.63
C VAL A 110 -0.80 -3.83 5.32
N VAL A 111 -1.34 -3.04 4.39
CA VAL A 111 -0.85 -1.68 4.20
C VAL A 111 -2.07 -0.72 4.30
N VAL A 112 -1.82 0.47 4.92
CA VAL A 112 -2.75 1.60 4.90
C VAL A 112 -1.91 2.75 4.39
N ASP A 113 -2.24 3.14 3.15
CA ASP A 113 -1.56 4.27 2.47
C ASP A 113 -2.43 5.45 2.29
N LEU A 114 -2.14 6.51 3.07
CA LEU A 114 -2.99 7.73 3.08
C LEU A 114 -2.11 8.94 2.89
N ASN A 115 -2.65 9.79 1.98
CA ASN A 115 -2.44 11.26 1.78
C ASN A 115 -2.49 12.07 2.98
N HIS A 116 -1.78 13.23 2.96
CA HIS A 116 -2.07 14.25 3.92
C HIS A 116 -3.59 14.60 3.97
N GLU A 117 -4.23 14.55 2.80
CA GLU A 117 -5.64 14.80 2.63
C GLU A 117 -6.60 13.64 3.04
N GLY A 118 -6.02 12.48 3.37
CA GLY A 118 -6.87 11.44 3.97
C GLY A 118 -7.43 10.52 2.88
N PHE A 119 -6.78 10.57 1.71
CA PHE A 119 -7.19 9.68 0.62
C PHE A 119 -6.12 8.60 0.35
N GLY A 120 -6.57 7.42 0.00
CA GLY A 120 -5.61 6.37 -0.36
C GLY A 120 -6.31 5.00 -0.34
N TRP A 121 -5.56 3.99 0.21
CA TRP A 121 -5.97 2.56 0.12
C TRP A 121 -5.70 1.85 1.43
N ALA A 122 -6.60 0.92 1.78
CA ALA A 122 -6.31 -0.09 2.80
C ALA A 122 -6.21 -1.42 2.01
N LEU A 123 -5.05 -2.09 2.11
CA LEU A 123 -4.78 -3.27 1.37
C LEU A 123 -4.42 -4.41 2.22
N VAL A 124 -5.12 -5.54 2.06
CA VAL A 124 -4.78 -6.78 2.82
C VAL A 124 -4.55 -7.87 1.81
N TRP A 125 -3.39 -8.52 1.81
CA TRP A 125 -3.15 -9.57 0.77
C TRP A 125 -2.42 -10.73 1.33
N GLY A 126 -2.63 -11.89 0.75
CA GLY A 126 -1.86 -13.06 1.11
C GLY A 126 -1.53 -13.82 -0.14
N GLY A 127 -0.29 -14.32 -0.21
CA GLY A 127 0.21 -14.89 -1.48
C GLY A 127 0.10 -13.81 -2.52
N LYS A 128 -0.57 -14.15 -3.62
CA LYS A 128 -0.81 -13.16 -4.70
C LYS A 128 -2.26 -12.75 -4.80
N LEU A 129 -2.99 -12.96 -3.71
CA LEU A 129 -4.41 -12.59 -3.61
C LEU A 129 -4.58 -11.27 -2.87
N MET A 130 -5.29 -10.35 -3.50
CA MET A 130 -5.75 -9.17 -2.81
C MET A 130 -7.05 -9.50 -2.11
N VAL A 131 -6.93 -9.73 -0.82
CA VAL A 131 -8.04 -10.20 0.03
C VAL A 131 -8.99 -9.08 0.42
N VAL A 132 -8.50 -7.88 0.79
CA VAL A 132 -9.35 -6.74 0.97
C VAL A 132 -8.66 -5.59 0.32
N SER A 133 -9.40 -4.74 -0.36
CA SER A 133 -8.82 -3.53 -0.95
C SER A 133 -9.93 -2.48 -0.92
N ARG A 134 -9.77 -1.51 -0.06
CA ARG A 134 -10.80 -0.50 0.19
C ARG A 134 -10.16 0.82 -0.19
N SER A 135 -10.82 1.62 -1.08
CA SER A 135 -10.38 3.01 -1.30
C SER A 135 -10.87 3.94 -0.15
N LEU A 136 -9.94 4.71 0.42
CA LEU A 136 -10.23 5.53 1.57
C LEU A 136 -10.32 6.99 1.16
N ARG A 137 -11.39 7.64 1.66
CA ARG A 137 -11.56 9.07 1.44
C ARG A 137 -11.91 9.74 2.79
N ASP A 138 -11.47 10.98 2.94
CA ASP A 138 -11.71 11.81 4.12
C ASP A 138 -11.40 11.01 5.34
N ALA A 139 -10.22 10.39 5.38
CA ALA A 139 -10.00 9.48 6.46
C ALA A 139 -9.83 10.10 7.84
N HIS A 140 -9.65 11.42 7.94
CA HIS A 140 -9.70 12.12 9.23
C HIS A 140 -10.94 11.71 10.03
N ARG A 141 -12.03 11.39 9.31
CA ARG A 141 -13.36 11.16 9.91
C ARG A 141 -13.65 9.63 10.06
N PHE A 142 -12.57 8.83 10.01
CA PHE A 142 -12.72 7.41 10.23
C PHE A 142 -13.41 7.11 11.57
N GLY A 143 -14.38 6.21 11.53
CA GLY A 143 -15.00 5.78 12.76
C GLY A 143 -16.45 5.39 12.48
N PHE A 144 -17.13 4.94 13.53
CA PHE A 144 -18.43 4.29 13.36
C PHE A 144 -19.41 4.83 14.38
N ASP A 145 -20.69 4.82 14.03
CA ASP A 145 -21.71 5.43 14.93
C ASP A 145 -21.81 4.74 16.29
N THR A 146 -21.57 3.41 16.34
CA THR A 146 -21.76 2.66 17.53
C THR A 146 -20.84 1.47 17.51
N LEU A 147 -20.70 0.86 18.66
CA LEU A 147 -19.87 -0.32 18.81
C LEU A 147 -20.34 -1.46 17.91
N GLU A 148 -21.68 -1.66 17.86
CA GLU A 148 -22.23 -2.66 17.00
C GLU A 148 -21.90 -2.43 15.54
N LYS A 149 -21.95 -1.18 15.10
CA LYS A 149 -21.60 -0.86 13.69
C LYS A 149 -20.13 -1.15 13.35
N LEU A 150 -19.21 -0.84 14.28
CA LEU A 150 -17.78 -1.18 14.12
C LEU A 150 -17.66 -2.68 14.06
N ASN A 151 -18.31 -3.37 15.01
CA ASN A 151 -18.15 -4.82 15.01
C ASN A 151 -18.72 -5.52 13.74
N ASP A 152 -19.91 -5.06 13.31
CA ASP A 152 -20.56 -5.58 12.10
C ASP A 152 -19.73 -5.37 10.84
N GLN A 153 -19.12 -4.19 10.70
CA GLN A 153 -18.36 -3.93 9.50
C GLN A 153 -17.04 -4.70 9.49
N GLY A 154 -16.33 -4.63 10.62
CA GLY A 154 -15.08 -5.41 10.67
C GLY A 154 -15.26 -6.88 10.43
N THR A 155 -16.32 -7.40 11.04
CA THR A 155 -16.71 -8.79 10.87
C THR A 155 -17.10 -9.14 9.41
N LYS A 156 -17.83 -8.25 8.77
CA LYS A 156 -18.26 -8.46 7.40
C LYS A 156 -17.04 -8.54 6.45
N LEU A 157 -16.10 -7.62 6.63
CA LEU A 157 -14.97 -7.58 5.76
C LEU A 157 -14.11 -8.82 6.00
N ALA A 158 -13.98 -9.21 7.26
CA ALA A 158 -13.14 -10.41 7.55
C ALA A 158 -13.83 -11.61 6.91
N ASN A 159 -15.15 -11.72 7.05
CA ASN A 159 -15.86 -12.93 6.51
C ASN A 159 -15.77 -13.00 4.99
N ALA A 160 -15.83 -11.85 4.32
CA ALA A 160 -15.63 -11.81 2.86
C ALA A 160 -14.20 -12.25 2.46
N GLY A 161 -13.21 -11.82 3.29
CA GLY A 161 -11.84 -12.21 3.09
C GLY A 161 -11.63 -13.73 3.25
N ILE A 162 -12.29 -14.29 4.28
CA ILE A 162 -12.13 -15.76 4.55
C ILE A 162 -12.71 -16.49 3.33
N GLU A 163 -13.88 -16.07 2.87
CA GLU A 163 -14.45 -16.75 1.64
C GLU A 163 -13.53 -16.68 0.42
N LEU A 164 -12.95 -15.52 0.19
CA LEU A 164 -12.07 -15.38 -0.91
C LEU A 164 -10.83 -16.22 -0.81
N VAL A 165 -10.20 -16.29 0.37
CA VAL A 165 -9.01 -17.13 0.56
C VAL A 165 -9.37 -18.60 0.26
N ASN A 166 -10.53 -19.02 0.76
CA ASN A 166 -10.89 -20.43 0.52
C ASN A 166 -11.29 -20.70 -0.94
N LYS A 167 -11.81 -19.71 -1.63
CA LYS A 167 -12.11 -19.87 -3.07
C LYS A 167 -10.89 -19.90 -3.98
N PHE A 168 -9.80 -19.20 -3.63
CA PHE A 168 -8.69 -18.97 -4.54
C PHE A 168 -7.34 -19.36 -3.95
N PRO A 169 -7.18 -20.62 -3.48
CA PRO A 169 -5.95 -21.04 -2.90
C PRO A 169 -4.80 -21.06 -3.86
N GLU A 170 -5.09 -21.25 -5.15
CA GLU A 170 -4.03 -21.18 -6.13
C GLU A 170 -3.21 -19.88 -6.17
N VAL A 171 -3.85 -18.77 -5.75
CA VAL A 171 -3.10 -17.57 -5.52
C VAL A 171 -2.84 -17.29 -4.05
N ALA A 172 -3.81 -17.58 -3.18
CA ALA A 172 -3.68 -17.24 -1.73
C ALA A 172 -2.54 -17.96 -1.09
N ARG A 173 -2.31 -19.20 -1.51
CA ARG A 173 -1.36 -19.98 -0.83
C ARG A 173 0.04 -20.02 -1.46
N LEU A 174 0.29 -19.17 -2.44
CA LEU A 174 1.61 -19.08 -3.10
C LEU A 174 2.67 -18.64 -2.10
N ASN B 23 29.75 5.20 -25.46
CA ASN B 23 28.64 4.70 -24.61
C ASN B 23 27.50 5.71 -24.59
N SER B 24 27.84 6.96 -24.81
CA SER B 24 26.88 8.07 -24.85
C SER B 24 25.82 7.96 -25.97
N GLU B 25 26.23 7.51 -27.16
CA GLU B 25 25.28 7.15 -28.22
C GLU B 25 24.39 5.98 -27.80
N THR B 26 25.03 4.95 -27.20
CA THR B 26 24.29 3.78 -26.75
C THR B 26 23.30 4.07 -25.62
N ASN B 27 23.62 4.97 -24.69
CA ASN B 27 22.66 5.28 -23.62
C ASN B 27 21.42 5.95 -24.22
N THR B 28 21.63 6.87 -25.16
CA THR B 28 20.49 7.56 -25.78
C THR B 28 19.63 6.56 -26.54
N LEU B 29 20.25 5.63 -27.25
CA LEU B 29 19.47 4.63 -27.97
C LEU B 29 18.69 3.77 -27.00
N LEU B 30 19.30 3.37 -25.88
CA LEU B 30 18.58 2.52 -24.90
C LEU B 30 17.39 3.26 -24.36
N VAL B 31 17.56 4.55 -24.03
CA VAL B 31 16.48 5.28 -23.40
C VAL B 31 15.33 5.45 -24.37
N GLU B 32 15.66 5.69 -25.64
CA GLU B 32 14.60 6.01 -26.60
C GLU B 32 13.93 4.73 -27.20
N GLN B 33 14.66 3.60 -27.19
CA GLN B 33 14.17 2.32 -27.75
C GLN B 33 13.43 1.43 -26.72
N SER B 34 13.97 1.38 -25.50
CA SER B 34 13.35 0.49 -24.53
C SER B 34 11.91 0.78 -24.19
N PRO B 35 10.98 -0.22 -24.31
CA PRO B 35 9.59 0.10 -23.94
C PRO B 35 9.49 0.45 -22.44
N PHE B 36 10.33 -0.21 -21.62
CA PHE B 36 10.36 0.11 -20.20
C PHE B 36 10.81 1.53 -19.91
N LEU B 37 11.97 1.89 -20.46
CA LEU B 37 12.41 3.24 -20.19
C LEU B 37 11.47 4.30 -20.76
N GLN B 38 10.89 4.00 -21.93
CA GLN B 38 9.91 4.86 -22.46
C GLN B 38 8.66 5.01 -21.52
N SER B 39 8.21 3.91 -20.96
CA SER B 39 7.14 3.94 -20.00
C SER B 39 7.53 4.75 -18.80
N LEU B 40 8.77 4.57 -18.33
CA LEU B 40 9.19 5.31 -17.15
C LEU B 40 9.24 6.83 -17.42
N VAL B 41 9.82 7.18 -18.58
CA VAL B 41 9.83 8.64 -18.99
C VAL B 41 8.42 9.22 -19.05
N GLN B 42 7.52 8.48 -19.65
CA GLN B 42 6.09 8.90 -19.70
C GLN B 42 5.51 9.20 -18.31
N GLN B 43 5.76 8.31 -17.35
CA GLN B 43 5.23 8.52 -16.03
C GLN B 43 5.87 9.73 -15.35
N ILE B 44 7.17 9.89 -15.47
CA ILE B 44 7.90 11.02 -14.81
C ILE B 44 7.28 12.34 -15.34
N ARG B 45 7.04 12.40 -16.66
CA ARG B 45 6.50 13.63 -17.27
C ARG B 45 5.07 13.90 -16.90
N ALA B 46 4.34 12.83 -16.61
CA ALA B 46 2.93 12.95 -16.28
C ALA B 46 2.75 13.48 -14.85
N TYR B 47 3.78 13.39 -14.02
CA TYR B 47 3.70 13.77 -12.62
C TYR B 47 4.62 14.93 -12.28
N ASP B 48 4.47 15.96 -13.09
CA ASP B 48 5.37 17.09 -13.11
C ASP B 48 4.54 18.35 -12.91
N HIS B 49 4.34 18.72 -11.64
CA HIS B 49 3.49 19.83 -11.29
C HIS B 49 3.87 21.10 -12.03
N TYR B 50 5.12 21.53 -11.86
CA TYR B 50 5.58 22.80 -12.49
C TYR B 50 5.93 22.72 -14.00
N GLY B 51 5.90 21.55 -14.62
CA GLY B 51 6.43 21.49 -16.00
C GLY B 51 7.94 21.62 -16.06
N VAL B 52 8.63 21.12 -15.04
CA VAL B 52 10.07 21.29 -14.99
C VAL B 52 10.83 20.47 -16.00
N TYR B 53 10.20 19.39 -16.52
CA TYR B 53 10.89 18.50 -17.41
C TYR B 53 10.62 18.86 -18.87
N ARG B 54 9.66 19.79 -19.07
CA ARG B 54 9.16 20.06 -20.44
C ARG B 54 10.25 20.36 -21.50
N THR B 55 11.31 21.02 -21.09
CA THR B 55 12.28 21.48 -22.11
C THR B 55 13.50 20.56 -22.21
N TRP B 56 13.49 19.41 -21.48
CA TRP B 56 14.67 18.54 -21.39
C TRP B 56 14.46 17.17 -22.05
N THR B 57 15.57 16.57 -22.49
CA THR B 57 15.49 15.25 -23.06
C THR B 57 15.02 14.17 -22.14
N ASP B 58 14.58 13.07 -22.75
CA ASP B 58 14.27 11.88 -21.96
C ASP B 58 15.43 11.44 -21.09
N GLU B 59 16.64 11.50 -21.59
CA GLU B 59 17.82 11.00 -20.88
C GLU B 59 17.98 11.79 -19.60
N LEU B 60 17.80 13.11 -19.69
CA LEU B 60 17.96 13.93 -18.51
C LEU B 60 16.87 13.66 -17.47
N VAL B 61 15.67 13.42 -17.96
CA VAL B 61 14.51 13.16 -17.11
C VAL B 61 14.68 11.91 -16.24
N ILE B 62 15.35 10.91 -16.80
CA ILE B 62 15.46 9.60 -16.12
C ILE B 62 16.81 9.57 -15.35
N ALA B 63 17.75 10.48 -15.61
CA ALA B 63 19.08 10.37 -15.00
C ALA B 63 19.08 10.24 -13.48
N PRO B 64 18.10 10.86 -12.82
CA PRO B 64 18.13 10.69 -11.32
C PRO B 64 17.93 9.27 -10.81
N TYR B 65 17.50 8.37 -11.65
CA TYR B 65 17.38 6.92 -11.29
C TYR B 65 18.71 6.22 -11.27
N VAL B 66 19.72 6.80 -11.95
CA VAL B 66 21.02 6.15 -12.08
C VAL B 66 21.99 6.87 -11.23
N ILE B 67 22.56 6.13 -10.27
CA ILE B 67 23.36 6.77 -9.23
C ILE B 67 24.42 5.74 -8.94
N PRO B 68 25.70 6.14 -8.99
CA PRO B 68 26.80 5.24 -8.69
C PRO B 68 26.65 4.52 -7.33
N LYS B 69 26.97 3.22 -7.31
CA LYS B 69 26.80 2.37 -6.11
C LYS B 69 27.32 3.08 -4.85
N LYS B 70 28.49 3.69 -4.99
CA LYS B 70 29.20 4.30 -3.88
C LYS B 70 28.48 5.51 -3.34
N LYS B 71 27.97 6.37 -4.24
CA LYS B 71 27.17 7.55 -3.88
C LYS B 71 25.85 7.12 -3.27
N ARG B 72 25.25 6.08 -3.85
CA ARG B 72 24.01 5.55 -3.33
C ARG B 72 24.09 5.08 -1.87
N ARG B 73 25.15 4.31 -1.60
CA ARG B 73 25.41 3.70 -0.25
C ARG B 73 25.54 4.80 0.80
N GLU B 74 25.93 6.01 0.37
CA GLU B 74 26.18 7.16 1.22
C GLU B 74 25.01 8.11 1.46
N ILE B 75 23.85 7.85 0.85
CA ILE B 75 22.64 8.64 1.16
C ILE B 75 22.14 8.33 2.58
N SER B 76 21.82 9.38 3.35
CA SER B 76 21.32 9.24 4.70
C SER B 76 19.89 8.70 4.73
N LEU B 77 19.67 7.81 5.67
CA LEU B 77 18.35 7.33 5.98
C LEU B 77 17.61 8.13 7.08
N GLU B 78 18.22 9.24 7.54
CA GLU B 78 17.58 10.03 8.59
C GLU B 78 16.28 10.80 8.31
N GLY B 79 16.09 11.41 7.16
CA GLY B 79 14.69 11.91 7.01
C GLY B 79 13.61 10.83 7.03
N ASP B 80 12.33 11.23 7.11
CA ASP B 80 11.30 10.61 6.28
C ASP B 80 11.85 10.68 4.88
N ILE B 81 11.34 9.84 3.99
CA ILE B 81 11.92 9.86 2.65
C ILE B 81 11.62 11.19 1.94
N ASP B 82 12.64 11.74 1.24
CA ASP B 82 12.32 12.90 0.37
C ASP B 82 11.08 12.64 -0.55
N PRO B 83 10.08 13.55 -0.60
CA PRO B 83 8.94 13.27 -1.48
C PRO B 83 9.32 13.12 -2.94
N THR B 84 10.40 13.75 -3.42
CA THR B 84 10.81 13.54 -4.82
C THR B 84 11.30 12.09 -5.07
N THR B 85 12.09 11.57 -4.13
CA THR B 85 12.59 10.19 -4.21
C THR B 85 11.36 9.25 -4.15
N LYS B 86 10.43 9.54 -3.24
CA LYS B 86 9.20 8.74 -3.14
C LYS B 86 8.41 8.73 -4.48
N LEU B 87 8.36 9.90 -5.10
CA LEU B 87 7.71 10.05 -6.42
C LEU B 87 8.49 9.27 -7.49
N ARG B 88 9.82 9.21 -7.43
CA ARG B 88 10.60 8.30 -8.34
C ARG B 88 10.22 6.86 -8.16
N ILE B 89 10.10 6.41 -6.92
CA ILE B 89 9.76 5.01 -6.75
C ILE B 89 8.31 4.81 -7.21
N LEU B 90 7.35 5.73 -6.96
CA LEU B 90 5.97 5.56 -7.47
C LEU B 90 5.97 5.51 -9.00
N CYS B 91 6.79 6.34 -9.63
CA CYS B 91 6.80 6.35 -11.09
C CYS B 91 7.39 5.11 -11.71
N TYR B 92 8.39 4.52 -11.05
CA TYR B 92 8.95 3.22 -11.43
C TYR B 92 7.90 2.16 -11.41
N PHE B 93 7.15 2.07 -10.32
CA PHE B 93 6.10 1.04 -10.25
C PHE B 93 4.92 1.31 -11.16
N ARG B 94 4.60 2.61 -11.35
CA ARG B 94 3.52 2.95 -12.33
C ARG B 94 3.95 2.61 -13.73
N ALA B 95 5.23 2.72 -14.03
CA ALA B 95 5.76 2.41 -15.37
C ALA B 95 5.59 0.88 -15.63
N ILE B 96 5.85 0.10 -14.55
CA ILE B 96 5.77 -1.34 -14.62
C ILE B 96 4.28 -1.67 -14.83
N ALA B 97 3.40 -1.03 -14.07
CA ALA B 97 1.95 -1.28 -14.07
C ALA B 97 1.40 -0.93 -15.48
N ALA B 98 1.88 0.20 -16.01
CA ALA B 98 1.35 0.58 -17.36
C ALA B 98 1.68 -0.42 -18.46
N LEU B 99 2.84 -1.06 -18.42
CA LEU B 99 3.23 -2.07 -19.38
C LEU B 99 2.41 -3.35 -19.16
N ILE B 100 2.18 -3.75 -17.91
CA ILE B 100 1.27 -4.88 -17.62
C ILE B 100 -0.09 -4.62 -18.22
N GLU B 101 -0.63 -3.42 -18.01
CA GLU B 101 -1.92 -3.04 -18.53
C GLU B 101 -1.90 -3.05 -20.07
N LYS B 102 -0.85 -2.50 -20.71
CA LYS B 102 -0.75 -2.47 -22.20
C LYS B 102 -0.75 -3.87 -22.79
N GLU B 103 -0.01 -4.79 -22.19
CA GLU B 103 0.19 -6.09 -22.82
C GLU B 103 -0.90 -7.08 -22.46
N THR B 104 -1.58 -6.86 -21.35
CA THR B 104 -2.63 -7.83 -20.94
C THR B 104 -4.09 -7.31 -20.95
N GLY B 105 -4.30 -5.99 -20.97
CA GLY B 105 -5.60 -5.42 -20.82
C GLY B 105 -6.06 -5.25 -19.40
N LEU B 106 -5.28 -5.79 -18.45
CA LEU B 106 -5.72 -5.73 -17.01
C LEU B 106 -5.49 -4.30 -16.42
N LEU B 107 -6.54 -3.63 -15.98
CA LEU B 107 -6.36 -2.31 -15.37
C LEU B 107 -5.61 -2.52 -14.04
N CYS B 108 -4.50 -1.79 -13.82
CA CYS B 108 -3.67 -2.02 -12.69
C CYS B 108 -3.59 -0.72 -11.84
N GLN B 109 -3.53 -0.87 -10.53
CA GLN B 109 -3.31 0.26 -9.58
C GLN B 109 -2.02 0.02 -8.79
N VAL B 110 -1.45 1.13 -8.35
CA VAL B 110 -0.16 1.10 -7.70
C VAL B 110 -0.22 1.79 -6.36
N VAL B 111 0.38 1.16 -5.32
CA VAL B 111 0.68 1.84 -4.06
C VAL B 111 2.11 1.59 -3.65
N VAL B 112 2.73 2.63 -3.18
CA VAL B 112 4.07 2.58 -2.54
C VAL B 112 3.91 3.06 -1.09
N ASP B 113 4.08 2.14 -0.15
CA ASP B 113 3.90 2.49 1.23
C ASP B 113 5.26 2.36 1.94
N LEU B 114 5.73 3.49 2.47
CA LEU B 114 6.99 3.52 3.21
C LEU B 114 6.88 4.14 4.57
N ASN B 115 7.61 3.58 5.54
CA ASN B 115 7.67 4.16 6.88
C ASN B 115 8.83 5.15 6.97
N HIS B 116 8.96 5.78 8.15
CA HIS B 116 10.07 6.69 8.34
C HIS B 116 11.48 6.05 8.12
N GLU B 117 11.60 4.72 8.28
CA GLU B 117 12.87 4.05 8.10
C GLU B 117 13.22 3.75 6.68
N GLY B 118 12.33 4.10 5.73
CA GLY B 118 12.59 3.70 4.35
C GLY B 118 12.19 2.29 4.02
N PHE B 119 11.34 1.75 4.88
CA PHE B 119 10.99 0.31 4.71
C PHE B 119 9.50 0.17 4.36
N GLY B 120 9.14 -0.76 3.46
CA GLY B 120 7.66 -0.97 3.24
C GLY B 120 7.50 -1.84 2.01
N TRP B 121 6.53 -1.44 1.19
CA TRP B 121 6.09 -2.27 0.07
C TRP B 121 5.75 -1.45 -1.18
N ALA B 122 6.03 -2.04 -2.34
CA ALA B 122 5.49 -1.57 -3.61
C ALA B 122 4.51 -2.64 -4.06
N LEU B 123 3.27 -2.21 -4.31
CA LEU B 123 2.18 -3.14 -4.63
C LEU B 123 1.56 -2.73 -5.97
N VAL B 124 1.41 -3.66 -6.89
CA VAL B 124 0.62 -3.40 -8.13
C VAL B 124 -0.41 -4.48 -8.19
N TRP B 125 -1.67 -4.09 -8.34
CA TRP B 125 -2.73 -5.11 -8.44
C TRP B 125 -3.72 -4.78 -9.50
N GLY B 126 -4.33 -5.84 -10.01
CA GLY B 126 -5.39 -5.69 -11.05
C GLY B 126 -6.45 -6.72 -10.68
N GLY B 127 -7.74 -6.34 -10.68
CA GLY B 127 -8.76 -7.30 -10.18
C GLY B 127 -8.39 -7.59 -8.74
N LYS B 128 -8.29 -8.87 -8.35
CA LYS B 128 -7.79 -9.18 -6.99
C LYS B 128 -6.50 -9.93 -7.11
N LEU B 129 -5.76 -9.69 -8.17
CA LEU B 129 -4.49 -10.36 -8.41
C LEU B 129 -3.33 -9.40 -8.07
N MET B 130 -2.44 -9.79 -7.16
CA MET B 130 -1.19 -9.06 -6.95
C MET B 130 -0.17 -9.36 -8.00
N VAL B 131 0.02 -8.41 -8.93
CA VAL B 131 1.00 -8.60 -10.02
C VAL B 131 2.42 -8.13 -9.68
N VAL B 132 2.57 -7.21 -8.69
CA VAL B 132 3.93 -6.91 -8.15
C VAL B 132 3.67 -6.82 -6.68
N SER B 133 4.51 -7.49 -5.86
CA SER B 133 4.37 -7.33 -4.39
C SER B 133 5.78 -7.36 -3.82
N ARG B 134 6.44 -6.19 -3.89
CA ARG B 134 7.88 -6.02 -3.67
C ARG B 134 8.20 -5.36 -2.32
N SER B 135 9.00 -6.05 -1.49
CA SER B 135 9.50 -5.45 -0.23
C SER B 135 10.59 -4.44 -0.55
N LEU B 136 10.40 -3.21 -0.04
CA LEU B 136 11.28 -2.05 -0.19
C LEU B 136 12.02 -1.78 1.12
N ARG B 137 13.33 -1.57 1.03
CA ARG B 137 14.13 -1.30 2.20
C ARG B 137 15.09 -0.16 1.79
N ASP B 138 15.49 0.67 2.78
CA ASP B 138 16.51 1.75 2.53
C ASP B 138 16.03 2.59 1.35
N ALA B 139 14.70 2.92 1.35
CA ALA B 139 14.10 3.51 0.14
C ALA B 139 14.74 4.86 -0.21
N HIS B 140 15.31 5.55 0.78
CA HIS B 140 15.99 6.87 0.48
C HIS B 140 17.08 6.66 -0.58
N ARG B 141 17.74 5.49 -0.61
CA ARG B 141 18.86 5.13 -1.52
C ARG B 141 18.40 4.52 -2.88
N PHE B 142 17.08 4.65 -3.16
CA PHE B 142 16.49 4.03 -4.39
C PHE B 142 17.30 4.49 -5.58
N GLY B 143 17.64 3.54 -6.43
CA GLY B 143 18.43 3.88 -7.62
C GLY B 143 19.18 2.67 -8.15
N PHE B 144 19.84 2.86 -9.31
CA PHE B 144 20.47 1.77 -10.05
C PHE B 144 21.83 2.12 -10.57
N ASP B 145 22.74 1.14 -10.59
CA ASP B 145 24.11 1.47 -11.04
C ASP B 145 24.23 2.07 -12.43
N THR B 146 23.38 1.60 -13.35
CA THR B 146 23.49 1.97 -14.76
C THR B 146 22.12 1.91 -15.38
N LEU B 147 21.99 2.57 -16.52
CA LEU B 147 20.73 2.54 -17.27
C LEU B 147 20.32 1.11 -17.60
N GLU B 148 21.30 0.28 -17.97
CA GLU B 148 21.06 -1.15 -18.24
C GLU B 148 20.44 -1.86 -17.08
N LYS B 149 20.95 -1.62 -15.87
CA LYS B 149 20.38 -2.31 -14.69
C LYS B 149 18.97 -1.82 -14.39
N LEU B 150 18.77 -0.51 -14.56
CA LEU B 150 17.37 0.03 -14.43
C LEU B 150 16.43 -0.65 -15.45
N ASN B 151 16.86 -0.70 -16.70
CA ASN B 151 16.00 -1.17 -17.73
C ASN B 151 15.71 -2.67 -17.50
N ASP B 152 16.76 -3.41 -17.12
CA ASP B 152 16.58 -4.84 -17.00
C ASP B 152 15.70 -5.16 -15.79
N GLN B 153 15.90 -4.47 -14.65
CA GLN B 153 15.03 -4.74 -13.52
C GLN B 153 13.59 -4.34 -13.72
N GLY B 154 13.33 -3.19 -14.32
CA GLY B 154 11.90 -2.82 -14.58
C GLY B 154 11.24 -3.75 -15.61
N THR B 155 12.02 -4.15 -16.62
CA THR B 155 11.53 -5.10 -17.65
C THR B 155 11.18 -6.47 -17.05
N LYS B 156 12.12 -6.97 -16.25
CA LYS B 156 11.86 -8.25 -15.54
C LYS B 156 10.61 -8.20 -14.69
N LEU B 157 10.42 -7.14 -13.87
CA LEU B 157 9.23 -7.11 -13.07
C LEU B 157 7.95 -7.00 -13.88
N ALA B 158 7.96 -6.24 -14.99
CA ALA B 158 6.82 -6.15 -15.81
C ALA B 158 6.52 -7.52 -16.49
N ASN B 159 7.56 -8.13 -17.04
CA ASN B 159 7.39 -9.52 -17.59
C ASN B 159 6.78 -10.43 -16.56
N ALA B 160 7.27 -10.43 -15.34
CA ALA B 160 6.76 -11.37 -14.33
C ALA B 160 5.31 -11.07 -13.96
N GLY B 161 4.97 -9.79 -13.95
CA GLY B 161 3.59 -9.44 -13.75
C GLY B 161 2.68 -9.92 -14.83
N ILE B 162 3.15 -9.76 -16.06
CA ILE B 162 2.44 -10.27 -17.23
C ILE B 162 2.21 -11.79 -17.13
N GLU B 163 3.24 -12.49 -16.74
CA GLU B 163 3.13 -13.98 -16.59
C GLU B 163 2.07 -14.31 -15.56
N LEU B 164 1.98 -13.51 -14.51
CA LEU B 164 0.95 -13.77 -13.50
C LEU B 164 -0.44 -13.56 -14.00
N VAL B 165 -0.70 -12.47 -14.73
CA VAL B 165 -2.03 -12.25 -15.30
C VAL B 165 -2.37 -13.42 -16.26
N ASN B 166 -1.40 -13.87 -17.07
CA ASN B 166 -1.66 -14.96 -18.02
C ASN B 166 -1.96 -16.24 -17.26
N LYS B 167 -1.36 -16.40 -16.09
CA LYS B 167 -1.54 -17.65 -15.33
C LYS B 167 -2.86 -17.65 -14.54
N PHE B 168 -3.42 -16.49 -14.13
CA PHE B 168 -4.51 -16.35 -13.12
C PHE B 168 -5.60 -15.45 -13.60
N PRO B 169 -6.17 -15.70 -14.83
CA PRO B 169 -7.27 -14.83 -15.25
C PRO B 169 -8.46 -14.86 -14.35
N GLU B 170 -8.65 -15.97 -13.59
CA GLU B 170 -9.77 -16.12 -12.74
C GLU B 170 -9.76 -15.15 -11.55
N VAL B 171 -8.53 -14.69 -11.26
CA VAL B 171 -8.30 -13.74 -10.20
C VAL B 171 -8.24 -12.29 -10.76
N ALA B 172 -7.63 -12.17 -11.93
CA ALA B 172 -7.53 -10.86 -12.62
C ALA B 172 -8.91 -10.27 -12.92
N ARG B 173 -9.93 -11.13 -13.11
CA ARG B 173 -11.29 -10.64 -13.47
C ARG B 173 -12.19 -10.26 -12.29
N LEU B 174 -11.67 -10.34 -11.05
CA LEU B 174 -12.46 -10.10 -9.86
C LEU B 174 -12.60 -8.60 -9.52
#